data_5IVO
#
_entry.id   5IVO
#
_cell.length_a   31.630
_cell.length_b   47.550
_cell.length_c   67.640
_cell.angle_alpha   90.00
_cell.angle_beta   90.00
_cell.angle_gamma   90.00
#
_symmetry.space_group_name_H-M   'P 21 21 21'
#
loop_
_entity.id
_entity.type
_entity.pdbx_description
1 polymer BC2-nanobody
2 non-polymer (4S)-2-METHYL-2,4-PENTANEDIOL
3 water water
#
_entity_poly.entity_id   1
_entity_poly.type   'polypeptide(L)'
_entity_poly.pdbx_seq_one_letter_code
;QVQLVESGGGLVQPGGSLTLSCTASGFTLDHYDIGWFRQAPGKEREGVSCINNSDDDTYYADSVKGRFTIFMNNAKDTVY
LQMNSLKPEDTAIYYCAEARGCKRGRYEYDFWGQGTQVTVSSKKKHHHHHH
;
_entity_poly.pdbx_strand_id   A
#
# COMPACT_ATOMS: atom_id res chain seq x y z
N GLN A 3 4.15 11.83 -7.78
CA GLN A 3 5.26 11.96 -6.81
C GLN A 3 4.82 11.62 -5.37
N LEU A 4 4.97 10.37 -5.07
CA LEU A 4 4.52 9.74 -3.80
C LEU A 4 5.69 9.18 -3.02
N VAL A 5 5.56 9.24 -1.70
CA VAL A 5 6.65 8.90 -0.79
C VAL A 5 6.14 7.93 0.28
N GLU A 6 6.76 6.75 0.39
CA GLU A 6 6.28 5.74 1.36
C GLU A 6 7.05 5.78 2.70
N SER A 7 6.35 5.44 3.80
CA SER A 7 7.00 5.34 5.10
C SER A 7 6.15 4.42 6.03
N GLY A 8 6.70 4.12 7.21
CA GLY A 8 5.99 3.35 8.19
C GLY A 8 6.40 1.89 8.33
N GLY A 9 7.40 1.46 7.57
CA GLY A 9 7.83 0.07 7.62
C GLY A 9 8.59 -0.24 8.90
N GLY A 10 8.92 -1.51 9.09
CA GLY A 10 9.80 -1.90 10.17
C GLY A 10 9.73 -3.39 10.44
N LEU A 11 10.31 -3.80 11.57
CA LEU A 11 10.29 -5.19 11.99
C LEU A 11 9.12 -5.46 12.93
N VAL A 12 8.36 -6.52 12.65
CA VAL A 12 7.22 -6.83 13.48
C VAL A 12 7.06 -8.33 13.64
N GLN A 13 6.66 -8.76 14.83
CA GLN A 13 6.41 -10.17 15.10
C GLN A 13 5.16 -10.66 14.35
N PRO A 14 5.12 -11.95 13.99
CA PRO A 14 3.91 -12.51 13.39
C PRO A 14 2.67 -12.24 14.24
N GLY A 15 1.58 -11.84 13.60
CA GLY A 15 0.38 -11.48 14.33
C GLY A 15 0.28 -9.98 14.60
N GLY A 16 1.39 -9.25 14.41
CA GLY A 16 1.45 -7.83 14.76
C GLY A 16 0.83 -6.91 13.71
N SER A 17 1.05 -5.61 13.88
CA SER A 17 0.36 -4.59 13.09
C SER A 17 1.31 -3.43 12.73
N LEU A 18 1.18 -2.89 11.52
CA LEU A 18 1.87 -1.65 11.10
C LEU A 18 0.91 -0.79 10.33
N THR A 19 1.20 0.50 10.26
CA THR A 19 0.44 1.43 9.44
C THR A 19 1.36 2.15 8.48
N LEU A 20 1.29 1.82 7.18
CA LEU A 20 2.17 2.47 6.20
C LEU A 20 1.52 3.76 5.77
N SER A 21 2.34 4.72 5.34
CA SER A 21 1.81 5.92 4.72
C SER A 21 2.39 6.14 3.34
N CYS A 22 1.57 6.76 2.48
N CYS A 22 1.62 6.72 2.43
CA CYS A 22 1.94 7.18 1.12
CA CYS A 22 2.29 7.25 1.26
C CYS A 22 1.53 8.65 0.93
C CYS A 22 1.65 8.56 0.91
N THR A 23 2.49 9.59 0.84
CA THR A 23 2.16 11.02 0.89
C THR A 23 2.63 11.87 -0.31
N ALA A 24 1.91 12.92 -0.62
CA ALA A 24 2.29 13.85 -1.69
C ALA A 24 2.14 15.19 -1.02
N SER A 25 2.48 15.22 0.26
CA SER A 25 2.94 16.41 0.99
C SER A 25 2.13 17.72 0.97
N GLY A 26 0.84 17.71 1.28
CA GLY A 26 0.02 18.91 1.14
C GLY A 26 -0.85 18.82 -0.11
N PHE A 27 -0.26 18.25 -1.15
CA PHE A 27 -0.92 17.99 -2.42
C PHE A 27 -2.02 17.00 -2.19
N THR A 28 -3.18 17.20 -2.77
CA THR A 28 -4.34 16.40 -2.41
C THR A 28 -4.52 15.20 -3.25
N LEU A 29 -4.49 14.03 -2.61
CA LEU A 29 -4.52 12.76 -3.30
C LEU A 29 -5.94 12.27 -3.60
N ASP A 30 -6.93 12.91 -3.01
CA ASP A 30 -8.32 12.47 -3.15
C ASP A 30 -8.83 12.65 -4.58
N HIS A 31 -7.99 13.24 -5.43
CA HIS A 31 -8.32 13.37 -6.84
C HIS A 31 -7.72 12.23 -7.68
N TYR A 32 -7.13 11.24 -7.01
CA TYR A 32 -6.46 10.15 -7.71
C TYR A 32 -6.83 8.78 -7.14
N ASP A 33 -6.64 7.76 -7.92
CA ASP A 33 -6.78 6.42 -7.44
C ASP A 33 -5.38 5.91 -7.15
N ILE A 34 -5.19 5.43 -5.93
CA ILE A 34 -3.91 5.02 -5.39
C ILE A 34 -3.83 3.54 -5.01
N GLY A 35 -2.80 2.89 -5.48
CA GLY A 35 -2.60 1.51 -5.19
C GLY A 35 -1.39 1.29 -4.30
N TRP A 36 -1.49 0.35 -3.39
CA TRP A 36 -0.31 -0.15 -2.67
C TRP A 36 0.15 -1.46 -3.31
N PHE A 37 1.46 -1.60 -3.48
CA PHE A 37 2.08 -2.76 -4.09
C PHE A 37 3.17 -3.30 -3.16
N ARG A 38 3.63 -4.51 -3.38
CA ARG A 38 4.81 -4.98 -2.64
C ARG A 38 5.67 -5.86 -3.52
N GLN A 39 6.97 -5.87 -3.24
CA GLN A 39 7.86 -6.82 -3.88
C GLN A 39 8.66 -7.55 -2.83
N ALA A 40 8.39 -8.85 -2.71
CA ALA A 40 9.11 -9.72 -1.80
C ALA A 40 10.25 -10.40 -2.54
N PRO A 41 11.20 -10.98 -1.79
CA PRO A 41 12.31 -11.71 -2.41
C PRO A 41 11.82 -12.93 -3.20
N GLY A 42 12.29 -13.09 -4.42
CA GLY A 42 11.94 -14.24 -5.23
C GLY A 42 10.58 -14.16 -5.89
N LYS A 43 9.76 -13.20 -5.44
CA LYS A 43 8.43 -13.02 -5.99
C LYS A 43 8.35 -11.80 -6.87
N GLU A 44 7.38 -11.79 -7.75
CA GLU A 44 7.18 -10.64 -8.60
C GLU A 44 6.40 -9.54 -7.87
N ARG A 45 6.51 -8.31 -8.36
CA ARG A 45 5.75 -7.19 -7.83
C ARG A 45 4.26 -7.51 -7.81
N GLU A 46 3.58 -7.30 -6.68
CA GLU A 46 2.15 -7.61 -6.61
C GLU A 46 1.33 -6.47 -6.06
N GLY A 47 0.12 -6.33 -6.56
CA GLY A 47 -0.81 -5.34 -6.05
C GLY A 47 -1.40 -5.85 -4.76
N VAL A 48 -1.46 -4.97 -3.76
CA VAL A 48 -1.98 -5.33 -2.44
C VAL A 48 -3.37 -4.75 -2.18
N SER A 49 -3.52 -3.46 -2.45
CA SER A 49 -4.77 -2.73 -2.18
CA SER A 49 -4.78 -2.75 -2.19
C SER A 49 -4.85 -1.51 -3.07
N CYS A 50 -6.06 -1.00 -3.29
CA CYS A 50 -6.22 0.19 -4.12
C CYS A 50 -7.41 1.01 -3.63
N ILE A 51 -7.25 2.32 -3.58
CA ILE A 51 -8.37 3.16 -3.25
C ILE A 51 -8.81 3.92 -4.49
N ASN A 52 -10.10 3.78 -4.81
CA ASN A 52 -10.72 4.42 -5.96
C ASN A 52 -11.45 5.67 -5.49
N ASN A 53 -10.83 6.82 -5.69
CA ASN A 53 -11.36 8.09 -5.20
C ASN A 53 -12.32 8.69 -6.19
N SER A 54 -12.33 8.15 -7.39
CA SER A 54 -13.35 8.62 -8.28
C SER A 54 -14.70 7.93 -8.05
N ASP A 55 -14.74 6.67 -7.67
CA ASP A 55 -16.00 5.99 -7.39
C ASP A 55 -16.15 5.64 -5.92
N ASP A 56 -15.34 6.22 -5.05
CA ASP A 56 -15.34 5.97 -3.61
C ASP A 56 -15.37 4.50 -3.26
N ASP A 57 -14.33 3.78 -3.66
CA ASP A 57 -14.31 2.34 -3.55
C ASP A 57 -12.92 1.81 -3.13
N THR A 58 -12.82 0.59 -2.64
CA THR A 58 -11.55 0.02 -2.25
C THR A 58 -11.41 -1.42 -2.68
N TYR A 59 -10.20 -1.83 -3.02
CA TYR A 59 -9.91 -3.18 -3.53
C TYR A 59 -8.77 -3.83 -2.74
N TYR A 60 -8.81 -5.15 -2.58
CA TYR A 60 -7.75 -5.86 -1.85
C TYR A 60 -7.38 -7.17 -2.53
N ALA A 61 -6.10 -7.54 -2.48
CA ALA A 61 -5.69 -8.87 -2.93
C ALA A 61 -6.32 -9.92 -2.04
N ASP A 62 -6.69 -11.06 -2.59
CA ASP A 62 -7.27 -12.15 -1.79
C ASP A 62 -6.44 -12.44 -0.54
N SER A 63 -5.11 -12.37 -0.66
CA SER A 63 -4.24 -12.76 0.44
C SER A 63 -4.28 -11.79 1.65
N VAL A 64 -4.72 -10.54 1.43
CA VAL A 64 -4.74 -9.56 2.53
C VAL A 64 -6.15 -9.14 2.95
N LYS A 65 -7.16 -9.69 2.27
CA LYS A 65 -8.55 -9.35 2.57
C LYS A 65 -8.87 -9.60 4.02
N GLY A 66 -9.47 -8.60 4.66
CA GLY A 66 -9.85 -8.70 6.05
C GLY A 66 -8.73 -8.36 7.02
N ARG A 67 -7.48 -8.37 6.54
CA ARG A 67 -6.34 -8.02 7.38
C ARG A 67 -5.86 -6.61 7.11
N PHE A 68 -5.84 -6.21 5.85
CA PHE A 68 -5.36 -4.87 5.47
C PHE A 68 -6.53 -3.95 5.16
N THR A 69 -6.36 -2.67 5.46
CA THR A 69 -7.35 -1.66 5.10
C THR A 69 -6.65 -0.44 4.50
N ILE A 70 -7.14 0.06 3.37
CA ILE A 70 -6.56 1.25 2.75
C ILE A 70 -7.49 2.45 3.02
N PHE A 71 -6.94 3.60 3.39
CA PHE A 71 -7.79 4.74 3.70
C PHE A 71 -7.05 6.07 3.67
N MET A 72 -7.83 7.16 3.70
CA MET A 72 -7.27 8.49 3.87
C MET A 72 -7.88 9.12 5.10
N ASN A 73 -7.21 10.15 5.63
CA ASN A 73 -7.77 10.99 6.68
C ASN A 73 -8.25 12.33 6.11
N ASN A 74 -8.68 13.23 7.00
CA ASN A 74 -9.18 14.55 6.58
C ASN A 74 -8.19 15.34 5.73
N ALA A 75 -6.90 15.22 6.05
CA ALA A 75 -5.84 15.91 5.34
C ALA A 75 -5.97 15.71 3.83
N LYS A 76 -6.26 14.47 3.46
CA LYS A 76 -6.49 14.09 2.06
C LYS A 76 -5.23 14.17 1.21
N ASP A 77 -4.07 14.24 1.85
CA ASP A 77 -2.83 14.28 1.15
C ASP A 77 -2.00 12.98 1.36
N THR A 78 -2.57 12.07 2.11
CA THR A 78 -1.90 10.83 2.44
C THR A 78 -2.83 9.65 2.32
N VAL A 79 -2.32 8.55 1.75
CA VAL A 79 -3.06 7.31 1.67
C VAL A 79 -2.42 6.29 2.59
N TYR A 80 -3.19 5.79 3.57
CA TYR A 80 -2.64 4.85 4.56
C TYR A 80 -2.95 3.40 4.24
N LEU A 81 -2.10 2.50 4.70
CA LEU A 81 -2.37 1.07 4.61
C LEU A 81 -2.22 0.45 5.99
N GLN A 82 -3.34 0.21 6.65
CA GLN A 82 -3.35 -0.47 7.93
C GLN A 82 -3.11 -1.96 7.70
N MET A 83 -2.11 -2.54 8.36
CA MET A 83 -1.81 -3.95 8.17
C MET A 83 -1.92 -4.68 9.49
N ASN A 84 -2.97 -5.50 9.63
CA ASN A 84 -3.21 -6.25 10.85
C ASN A 84 -2.87 -7.73 10.65
N SER A 85 -2.72 -8.46 11.76
CA SER A 85 -2.42 -9.89 11.72
C SER A 85 -1.35 -10.26 10.70
N LEU A 86 -0.20 -9.61 10.80
CA LEU A 86 0.85 -9.78 9.82
C LEU A 86 1.42 -11.19 9.83
N LYS A 87 1.79 -11.66 8.63
CA LYS A 87 2.39 -12.99 8.47
C LYS A 87 3.71 -12.87 7.69
N PRO A 88 4.58 -13.87 7.84
CA PRO A 88 5.87 -13.89 7.14
C PRO A 88 5.72 -13.63 5.64
N GLU A 89 4.60 -14.07 5.08
CA GLU A 89 4.39 -13.91 3.66
C GLU A 89 4.21 -12.44 3.31
N ASP A 90 3.98 -11.61 4.35
CA ASP A 90 3.83 -10.17 4.12
C ASP A 90 5.16 -9.42 4.10
N THR A 91 6.26 -10.13 4.38
CA THR A 91 7.58 -9.52 4.34
C THR A 91 7.92 -9.07 2.91
N ALA A 92 8.18 -7.77 2.74
CA ALA A 92 8.41 -7.20 1.41
C ALA A 92 8.74 -5.71 1.49
N ILE A 93 9.22 -5.14 0.38
CA ILE A 93 9.28 -3.68 0.23
C ILE A 93 7.95 -3.21 -0.35
N TYR A 94 7.29 -2.26 0.32
CA TYR A 94 5.96 -1.78 -0.08
C TYR A 94 6.06 -0.43 -0.80
N TYR A 95 5.38 -0.31 -1.94
CA TYR A 95 5.39 0.91 -2.74
C TYR A 95 3.97 1.40 -3.08
N CYS A 96 3.75 2.68 -3.26
N CYS A 96 3.82 2.71 -3.25
CA CYS A 96 2.52 3.18 -3.79
CA CYS A 96 2.59 3.33 -3.77
C CYS A 96 2.69 3.89 -5.15
C CYS A 96 2.75 3.81 -5.19
N ALA A 97 1.63 4.00 -5.87
CA ALA A 97 1.66 4.62 -7.19
C ALA A 97 0.24 4.91 -7.64
N GLU A 98 0.11 5.83 -8.58
CA GLU A 98 -1.21 6.05 -9.18
C GLU A 98 -1.66 4.83 -9.96
N ALA A 99 -2.86 4.35 -9.67
CA ALA A 99 -3.43 3.19 -10.33
C ALA A 99 -4.84 3.54 -10.79
N ARG A 100 -4.96 4.21 -11.91
CA ARG A 100 -6.23 4.70 -12.37
C ARG A 100 -7.33 3.65 -12.44
N GLY A 101 -8.41 3.89 -11.73
CA GLY A 101 -9.54 2.97 -11.69
C GLY A 101 -9.30 1.65 -10.97
N CYS A 102 -8.13 1.49 -10.33
CA CYS A 102 -7.81 0.26 -9.61
C CYS A 102 -8.06 -0.98 -10.46
N LYS A 103 -7.68 -0.90 -11.74
CA LYS A 103 -7.87 -1.99 -12.69
C LYS A 103 -6.98 -3.17 -12.34
N ARG A 104 -7.57 -4.37 -12.24
CA ARG A 104 -6.89 -5.53 -11.65
C ARG A 104 -5.88 -6.24 -12.56
N GLY A 105 -5.93 -5.98 -13.86
CA GLY A 105 -5.08 -6.72 -14.78
C GLY A 105 -3.84 -6.00 -15.28
N ARG A 106 -3.34 -5.04 -14.52
CA ARG A 106 -2.25 -4.19 -15.00
C ARG A 106 -0.98 -4.38 -14.17
N TYR A 107 0.18 -4.40 -14.83
CA TYR A 107 1.44 -4.62 -14.14
C TYR A 107 2.33 -3.38 -14.09
N GLU A 108 2.35 -2.63 -15.18
CA GLU A 108 3.30 -1.53 -15.31
C GLU A 108 2.74 -0.25 -14.66
N TYR A 109 3.43 0.30 -13.65
CA TYR A 109 3.06 1.56 -13.00
C TYR A 109 4.26 2.47 -12.90
N ASP A 110 4.02 3.75 -12.66
CA ASP A 110 5.12 4.68 -12.41
C ASP A 110 5.42 4.76 -10.92
N PHE A 111 6.48 4.09 -10.49
CA PHE A 111 6.91 4.15 -9.10
C PHE A 111 8.01 5.18 -8.88
N TRP A 112 7.68 6.29 -8.22
CA TRP A 112 8.68 7.33 -7.94
C TRP A 112 9.25 7.24 -6.53
N GLY A 113 8.73 6.34 -5.71
CA GLY A 113 9.17 6.24 -4.33
C GLY A 113 10.22 5.17 -4.11
N GLN A 114 10.97 5.29 -3.01
CA GLN A 114 11.92 4.25 -2.62
C GLN A 114 11.21 3.13 -1.85
N GLY A 115 9.92 3.31 -1.60
CA GLY A 115 9.17 2.33 -0.84
C GLY A 115 9.56 2.29 0.63
N THR A 116 8.98 1.33 1.34
CA THR A 116 9.34 1.13 2.76
C THR A 116 9.33 -0.37 3.10
N GLN A 117 10.37 -0.85 3.78
CA GLN A 117 10.50 -2.29 4.03
CA GLN A 117 10.52 -2.28 4.06
C GLN A 117 9.69 -2.76 5.24
N VAL A 118 8.98 -3.87 5.06
CA VAL A 118 8.26 -4.54 6.13
C VAL A 118 8.84 -5.94 6.32
N THR A 119 9.27 -6.27 7.53
CA THR A 119 9.78 -7.60 7.80
C THR A 119 9.00 -8.25 8.92
N VAL A 120 8.39 -9.39 8.64
CA VAL A 120 7.65 -10.08 9.67
C VAL A 120 8.40 -11.34 10.12
N SER A 121 8.95 -11.34 11.33
CA SER A 121 9.66 -12.52 11.84
C SER A 121 9.64 -12.64 13.36
N SER A 122 9.82 -13.87 13.85
CA SER A 122 9.81 -14.15 15.30
C SER A 122 11.14 -13.79 15.96
#